data_1BIO
#
_entry.id   1BIO
#
_cell.length_a   55.480
_cell.length_b   49.910
_cell.length_c   39.430
_cell.angle_alpha   90.00
_cell.angle_beta   105.69
_cell.angle_gamma   90.00
#
_symmetry.space_group_name_H-M   'P 1 21 1'
#
loop_
_entity.id
_entity.type
_entity.pdbx_description
1 polymer 'COMPLEMENT FACTOR D'
2 non-polymer 'ISATOIC ANHYDRIDE'
3 non-polymer GLYCEROL
4 water water
#
_entity_poly.entity_id   1
_entity_poly.type   'polypeptide(L)'
_entity_poly.pdbx_seq_one_letter_code
;ILGGREAEAHARPYMASVQLNGAHLCGGVLVAEQWVLSAAHCLEDAADGKVQVLLGAHSLSQPEPSKRLYDVLRAVPHPD
SQPDTIDHDLLLLQLSEKATLGPAVRPLPWQRVDRDVAPGTLCDVAGWGIVNHAGRRPDSLQHVLLPVLDRATCNRRTHH
DGAITERLMCAESNRRDSCKGDSGGPLVCGGVLEGVVTSGSRVCGNRKKPGIYTRVASYAAWIDSVLA
;
_entity_poly.pdbx_strand_id   A
#
# COMPACT_ATOMS: atom_id res chain seq x y z
N ILE A 1 -10.49 -2.15 -3.18
CA ILE A 1 -10.52 -3.58 -2.80
C ILE A 1 -11.73 -4.31 -3.43
N LEU A 2 -11.49 -5.43 -4.09
CA LEU A 2 -12.55 -6.25 -4.70
C LEU A 2 -12.78 -7.49 -3.85
N GLY A 3 -14.06 -7.82 -3.66
CA GLY A 3 -14.43 -8.99 -2.90
C GLY A 3 -14.07 -8.94 -1.43
N GLY A 4 -13.93 -7.72 -0.90
CA GLY A 4 -13.58 -7.57 0.50
C GLY A 4 -14.77 -7.19 1.35
N ARG A 5 -14.50 -6.58 2.50
CA ARG A 5 -15.53 -6.16 3.45
C ARG A 5 -15.11 -4.81 4.01
N GLU A 6 -16.08 -4.06 4.54
CA GLU A 6 -15.73 -2.77 5.12
C GLU A 6 -14.90 -3.13 6.34
N ALA A 7 -13.83 -2.38 6.58
CA ALA A 7 -12.95 -2.65 7.72
C ALA A 7 -13.50 -2.07 9.02
N GLU A 8 -13.08 -2.65 10.14
CA GLU A 8 -13.49 -2.16 11.46
C GLU A 8 -12.84 -0.78 11.61
N ALA A 9 -13.65 0.24 11.88
CA ALA A 9 -13.18 1.60 12.02
C ALA A 9 -11.99 1.72 13.00
N HIS A 10 -10.90 2.24 12.44
CA HIS A 10 -9.63 2.58 13.17
C HIS A 10 -8.91 1.36 13.76
N ALA A 11 -9.22 0.20 13.24
CA ALA A 11 -8.60 -1.04 13.73
C ALA A 11 -7.22 -1.24 13.10
N ARG A 12 -6.93 -0.44 12.08
CA ARG A 12 -5.61 -0.46 11.39
C ARG A 12 -5.12 0.99 11.47
N PRO A 13 -4.62 1.40 12.65
CA PRO A 13 -4.11 2.76 12.91
C PRO A 13 -2.95 3.25 12.03
N TYR A 14 -2.32 2.32 11.32
CA TYR A 14 -1.19 2.62 10.45
C TYR A 14 -1.63 3.01 9.05
N MET A 15 -2.90 2.80 8.75
CA MET A 15 -3.44 3.07 7.43
C MET A 15 -3.49 4.55 7.08
N ALA A 16 -2.95 4.89 5.91
CA ALA A 16 -2.94 6.26 5.45
C ALA A 16 -3.54 6.39 4.08
N SER A 17 -4.16 7.53 3.84
CA SER A 17 -4.72 7.85 2.52
C SER A 17 -3.85 9.01 1.99
N VAL A 18 -3.11 8.72 0.93
CA VAL A 18 -2.26 9.70 0.27
C VAL A 18 -3.20 10.41 -0.69
N GLN A 19 -3.27 11.72 -0.58
CA GLN A 19 -4.19 12.49 -1.39
C GLN A 19 -3.55 13.54 -2.26
N LEU A 20 -4.24 13.85 -3.35
CA LEU A 20 -3.80 14.84 -4.31
C LEU A 20 -4.99 15.79 -4.43
N ASN A 21 -4.77 17.04 -4.07
CA ASN A 21 -5.82 18.05 -4.12
C ASN A 21 -7.10 17.63 -3.42
N GLY A 22 -6.97 17.14 -2.19
CA GLY A 22 -8.13 16.75 -1.42
C GLY A 22 -8.82 15.45 -1.82
N ALA A 23 -8.27 14.76 -2.81
CA ALA A 23 -8.87 13.50 -3.25
C ALA A 23 -7.96 12.32 -2.98
N HIS A 24 -8.54 11.23 -2.47
CA HIS A 24 -7.80 10.01 -2.21
C HIS A 24 -7.18 9.57 -3.53
N LEU A 25 -5.88 9.25 -3.51
CA LEU A 25 -5.17 8.82 -4.70
C LEU A 25 -4.58 7.42 -4.52
N CYS A 26 -3.83 7.25 -3.45
CA CYS A 26 -3.20 5.97 -3.16
C CYS A 26 -3.24 5.64 -1.67
N GLY A 27 -3.08 4.37 -1.34
CA GLY A 27 -2.98 3.97 0.04
C GLY A 27 -1.54 4.25 0.46
N GLY A 28 -1.27 4.13 1.76
CA GLY A 28 0.05 4.34 2.32
C GLY A 28 0.04 3.71 3.70
N VAL A 29 1.21 3.64 4.33
CA VAL A 29 1.33 3.05 5.65
C VAL A 29 2.32 3.83 6.50
N LEU A 30 1.91 4.15 7.73
CA LEU A 30 2.76 4.90 8.65
C LEU A 30 3.79 3.91 9.20
N VAL A 31 5.07 4.15 8.87
CA VAL A 31 6.16 3.29 9.31
C VAL A 31 7.05 3.93 10.40
N ALA A 32 6.88 5.22 10.61
CA ALA A 32 7.60 5.97 11.66
C ALA A 32 6.68 7.14 12.00
N GLU A 33 6.93 7.82 13.10
CA GLU A 33 6.05 8.94 13.46
C GLU A 33 5.90 10.03 12.41
N GLN A 34 6.92 10.28 11.59
CA GLN A 34 6.82 11.34 10.60
C GLN A 34 6.96 10.83 9.17
N TRP A 35 6.88 9.52 8.97
CA TRP A 35 7.06 8.95 7.64
C TRP A 35 6.03 7.94 7.22
N VAL A 36 5.50 8.14 6.02
CA VAL A 36 4.52 7.24 5.44
C VAL A 36 5.12 6.66 4.15
N LEU A 37 5.04 5.33 4.04
CA LEU A 37 5.51 4.57 2.87
C LEU A 37 4.34 4.30 1.92
N SER A 38 4.57 4.55 0.63
CA SER A 38 3.58 4.35 -0.41
C SER A 38 4.31 3.87 -1.66
N ALA A 39 3.66 3.97 -2.82
CA ALA A 39 4.27 3.53 -4.08
C ALA A 39 4.65 4.73 -4.95
N ALA A 40 5.79 4.59 -5.64
CA ALA A 40 6.33 5.65 -6.49
C ALA A 40 5.46 6.11 -7.65
N HIS A 41 4.86 5.17 -8.39
CA HIS A 41 4.02 5.54 -9.53
C HIS A 41 2.87 6.44 -9.15
N CYS A 42 2.53 6.45 -7.86
CA CYS A 42 1.47 7.31 -7.31
C CYS A 42 1.72 8.79 -7.50
N LEU A 43 2.91 9.25 -7.10
CA LEU A 43 3.22 10.66 -7.21
C LEU A 43 3.75 11.02 -8.57
N GLU A 44 3.74 10.05 -9.43
CA GLU A 44 4.08 10.25 -10.83
C GLU A 44 2.93 11.08 -11.40
N ASP A 45 1.76 10.62 -10.96
CA ASP A 45 0.44 11.15 -11.32
C ASP A 45 0.13 12.41 -10.51
N ALA A 46 1.19 13.04 -10.10
CA ALA A 46 1.16 14.29 -9.34
C ALA A 46 2.24 15.21 -9.91
N ALA A 47 2.74 16.11 -9.11
CA ALA A 47 3.75 17.05 -9.58
C ALA A 47 3.13 18.40 -9.85
N ASP A 48 1.85 18.30 -10.12
CA ASP A 48 1.02 19.45 -10.45
C ASP A 48 -0.17 19.46 -9.51
N GLY A 49 0.14 19.11 -8.28
CA GLY A 49 -0.89 19.04 -7.25
C GLY A 49 -0.33 18.99 -5.85
N LYS A 50 -1.19 19.31 -4.89
CA LYS A 50 -0.84 19.30 -3.49
C LYS A 50 -1.00 17.89 -2.93
N VAL A 51 0.09 17.34 -2.41
CA VAL A 51 0.10 16.01 -1.83
C VAL A 51 -0.02 16.08 -0.31
N GLN A 52 -1.00 15.37 0.24
CA GLN A 52 -1.21 15.37 1.69
C GLN A 52 -1.46 13.95 2.10
N VAL A 53 -1.40 13.70 3.41
CA VAL A 53 -1.63 12.37 3.94
C VAL A 53 -2.68 12.43 5.06
N LEU A 54 -3.76 11.69 4.89
CA LEU A 54 -4.82 11.65 5.89
C LEU A 54 -4.60 10.44 6.81
N LEU A 55 -4.43 10.70 8.10
CA LEU A 55 -4.24 9.62 9.07
C LEU A 55 -5.43 9.57 10.02
N GLY A 56 -5.55 8.43 10.71
CA GLY A 56 -6.62 8.21 11.68
C GLY A 56 -8.02 8.21 11.09
N ALA A 57 -8.12 7.89 9.80
CA ALA A 57 -9.40 7.89 9.11
C ALA A 57 -10.02 6.54 8.84
N HIS A 58 -11.34 6.60 8.81
CA HIS A 58 -12.13 5.47 8.36
C HIS A 58 -12.92 5.97 7.16
N SER A 59 -13.68 7.03 7.39
CA SER A 59 -14.45 7.68 6.31
C SER A 59 -13.62 8.80 5.74
N LEU A 60 -13.57 8.88 4.41
CA LEU A 60 -12.82 9.93 3.74
C LEU A 60 -13.51 11.29 3.82
N SER A 61 -14.83 11.30 3.93
CA SER A 61 -15.56 12.56 3.94
C SER A 61 -16.15 13.02 5.27
N GLN A 62 -16.39 12.09 6.19
CA GLN A 62 -17.01 12.39 7.47
C GLN A 62 -16.04 12.77 8.59
N PRO A 63 -16.46 13.67 9.49
CA PRO A 63 -15.56 14.05 10.59
C PRO A 63 -15.40 12.90 11.57
N GLU A 64 -14.19 12.75 12.08
CA GLU A 64 -13.86 11.73 13.05
C GLU A 64 -12.83 12.40 13.95
N PRO A 65 -12.89 12.22 15.28
CA PRO A 65 -12.00 12.87 16.22
C PRO A 65 -10.56 12.59 15.88
N SER A 66 -10.17 11.38 15.50
CA SER A 66 -8.79 11.01 15.18
C SER A 66 -8.28 11.41 13.80
N LYS A 67 -9.17 11.84 12.91
CA LYS A 67 -8.76 12.24 11.57
C LYS A 67 -7.91 13.50 11.55
N ARG A 68 -6.81 13.44 10.82
CA ARG A 68 -5.95 14.60 10.65
C ARG A 68 -5.26 14.51 9.30
N LEU A 69 -5.34 15.61 8.55
CA LEU A 69 -4.75 15.73 7.25
C LEU A 69 -3.40 16.45 7.39
N TYR A 70 -2.32 15.74 7.10
CA TYR A 70 -0.98 16.31 7.18
C TYR A 70 -0.45 16.73 5.81
N ASP A 71 0.28 17.84 5.81
CA ASP A 71 0.92 18.34 4.61
C ASP A 71 2.20 17.53 4.54
N VAL A 72 2.84 17.55 3.38
CA VAL A 72 4.05 16.78 3.19
C VAL A 72 5.25 17.71 2.96
N LEU A 73 6.26 17.52 3.79
CA LEU A 73 7.47 18.31 3.73
C LEU A 73 8.34 17.89 2.53
N ARG A 74 8.47 16.57 2.32
CA ARG A 74 9.29 16.05 1.26
C ARG A 74 8.80 14.70 0.77
N ALA A 75 8.84 14.50 -0.54
CA ALA A 75 8.44 13.23 -1.19
C ALA A 75 9.74 12.63 -1.73
N VAL A 76 10.00 11.38 -1.33
CA VAL A 76 11.23 10.68 -1.73
C VAL A 76 10.99 9.37 -2.47
N PRO A 77 10.90 9.42 -3.81
CA PRO A 77 10.70 8.19 -4.58
C PRO A 77 12.00 7.43 -4.60
N HIS A 78 11.95 6.11 -4.65
CA HIS A 78 13.18 5.31 -4.69
C HIS A 78 13.98 5.75 -5.94
N PRO A 79 15.28 6.03 -5.76
CA PRO A 79 16.14 6.47 -6.88
C PRO A 79 16.17 5.60 -8.13
N ASP A 80 15.91 4.31 -7.98
CA ASP A 80 15.93 3.40 -9.13
C ASP A 80 14.58 3.10 -9.77
N SER A 81 13.53 3.75 -9.26
CA SER A 81 12.21 3.55 -9.83
C SER A 81 12.17 4.22 -11.19
N GLN A 82 11.38 3.65 -12.10
CA GLN A 82 11.24 4.17 -13.46
C GLN A 82 9.77 4.07 -13.88
N PRO A 83 9.28 5.06 -14.64
CA PRO A 83 7.90 5.11 -15.14
C PRO A 83 7.36 3.86 -15.82
N ASP A 84 8.20 3.15 -16.55
CA ASP A 84 7.73 1.96 -17.26
C ASP A 84 8.04 0.61 -16.64
N THR A 85 8.49 0.59 -15.39
CA THR A 85 8.79 -0.68 -14.74
C THR A 85 8.03 -0.77 -13.43
N ILE A 86 7.95 -1.98 -12.88
CA ILE A 86 7.27 -2.20 -11.60
C ILE A 86 8.30 -2.41 -10.48
N ASP A 87 9.57 -2.15 -10.78
CA ASP A 87 10.64 -2.34 -9.78
C ASP A 87 10.92 -1.11 -8.93
N HIS A 88 11.31 -1.38 -7.69
CA HIS A 88 11.66 -0.33 -6.72
C HIS A 88 10.55 0.73 -6.66
N ASP A 89 9.31 0.25 -6.70
CA ASP A 89 8.15 1.12 -6.70
C ASP A 89 7.74 1.57 -5.30
N LEU A 90 8.66 2.25 -4.62
CA LEU A 90 8.42 2.72 -3.26
C LEU A 90 8.61 4.22 -3.22
N LEU A 91 7.92 4.86 -2.29
CA LEU A 91 7.95 6.30 -2.10
C LEU A 91 7.79 6.56 -0.63
N LEU A 92 8.61 7.47 -0.09
CA LEU A 92 8.52 7.81 1.31
C LEU A 92 8.12 9.28 1.39
N LEU A 93 7.10 9.52 2.21
CA LEU A 93 6.54 10.85 2.43
C LEU A 93 6.82 11.33 3.85
N GLN A 94 7.52 12.44 3.94
CA GLN A 94 7.82 13.00 5.24
C GLN A 94 6.74 14.00 5.55
N LEU A 95 6.03 13.74 6.64
CA LEU A 95 4.94 14.61 7.06
C LEU A 95 5.54 15.91 7.59
N SER A 96 4.75 16.98 7.56
CA SER A 96 5.20 18.29 8.03
C SER A 96 5.69 18.25 9.49
N GLU A 97 5.17 17.32 10.30
CA GLU A 97 5.60 17.17 11.68
C GLU A 97 5.26 15.76 12.12
N LYS A 98 5.77 15.32 13.26
CA LYS A 98 5.48 13.98 13.75
C LYS A 98 3.99 13.89 14.00
N ALA A 99 3.39 12.77 13.59
CA ALA A 99 1.98 12.56 13.75
C ALA A 99 1.62 12.39 15.20
N THR A 100 0.44 12.90 15.56
CA THR A 100 -0.07 12.76 16.92
C THR A 100 -0.51 11.31 17.01
N LEU A 101 0.13 10.55 17.88
CA LEU A 101 -0.19 9.14 18.04
C LEU A 101 -1.37 8.92 19.00
N GLY A 102 -2.07 7.81 18.81
CA GLY A 102 -3.21 7.46 19.63
C GLY A 102 -3.70 6.09 19.20
N PRO A 103 -4.85 5.66 19.75
CA PRO A 103 -5.40 4.33 19.39
C PRO A 103 -5.69 4.19 17.89
N ALA A 104 -6.01 5.32 17.26
CA ALA A 104 -6.35 5.36 15.85
C ALA A 104 -5.21 5.75 14.92
N VAL A 105 -4.06 6.08 15.48
CA VAL A 105 -2.89 6.51 14.68
C VAL A 105 -1.62 5.97 15.34
N ARG A 106 -0.97 5.03 14.65
CA ARG A 106 0.21 4.41 15.18
C ARG A 106 1.00 3.72 14.06
N PRO A 107 2.33 3.90 14.03
CA PRO A 107 3.13 3.25 12.98
C PRO A 107 3.04 1.73 13.13
N LEU A 108 3.17 1.01 12.01
CA LEU A 108 3.16 -0.44 12.00
C LEU A 108 4.60 -0.97 11.90
N PRO A 109 4.95 -1.98 12.73
CA PRO A 109 6.31 -2.56 12.66
C PRO A 109 6.47 -3.14 11.27
N TRP A 110 7.63 -2.97 10.66
CA TRP A 110 7.81 -3.49 9.31
C TRP A 110 8.95 -4.49 9.25
N GLN A 111 8.88 -5.41 8.28
CA GLN A 111 9.88 -6.47 8.14
C GLN A 111 11.27 -5.99 7.69
N ARG A 112 12.28 -6.28 8.51
CA ARG A 112 13.65 -5.89 8.23
C ARG A 112 14.51 -7.10 7.88
N VAL A 113 14.03 -8.31 8.15
CA VAL A 113 14.78 -9.52 7.82
C VAL A 113 14.36 -9.98 6.44
N ASP A 114 15.32 -10.02 5.52
CA ASP A 114 15.04 -10.38 4.14
C ASP A 114 14.87 -11.89 3.89
N ARG A 115 13.66 -12.36 4.18
CA ARG A 115 13.26 -13.74 3.99
C ARG A 115 11.80 -13.70 3.55
N ASP A 116 11.51 -14.48 2.52
CA ASP A 116 10.19 -14.56 1.93
C ASP A 116 9.11 -15.00 2.90
N VAL A 117 7.91 -14.44 2.73
CA VAL A 117 6.76 -14.86 3.51
C VAL A 117 6.39 -16.22 2.87
N ALA A 118 6.13 -17.22 3.71
CA ALA A 118 5.77 -18.55 3.24
C ALA A 118 4.49 -18.56 2.43
N PRO A 119 4.48 -19.31 1.33
CA PRO A 119 3.26 -19.37 0.51
C PRO A 119 2.08 -19.84 1.38
N GLY A 120 0.89 -19.32 1.09
CA GLY A 120 -0.29 -19.71 1.85
C GLY A 120 -0.58 -18.84 3.05
N THR A 121 0.43 -18.10 3.49
CA THR A 121 0.26 -17.23 4.65
C THR A 121 -0.84 -16.21 4.35
N LEU A 122 -1.80 -16.09 5.27
CA LEU A 122 -2.89 -15.15 5.10
C LEU A 122 -2.44 -13.77 5.55
N CYS A 123 -2.47 -12.83 4.62
CA CYS A 123 -2.08 -11.46 4.87
C CYS A 123 -3.26 -10.55 4.61
N ASP A 124 -3.23 -9.38 5.21
CA ASP A 124 -4.31 -8.42 5.09
C ASP A 124 -3.92 -7.18 4.29
N VAL A 125 -4.78 -6.79 3.35
CA VAL A 125 -4.57 -5.59 2.57
C VAL A 125 -5.85 -4.75 2.71
N ALA A 126 -5.67 -3.46 2.94
CA ALA A 126 -6.79 -2.53 3.11
C ALA A 126 -6.60 -1.35 2.18
N GLY A 127 -7.70 -0.65 1.88
CA GLY A 127 -7.62 0.50 1.02
C GLY A 127 -8.98 1.10 0.69
N TRP A 128 -8.95 2.25 0.04
CA TRP A 128 -10.13 2.98 -0.38
C TRP A 128 -10.23 2.91 -1.91
N GLY A 129 -9.58 1.90 -2.50
CA GLY A 129 -9.60 1.76 -3.94
C GLY A 129 -10.96 1.27 -4.46
N ILE A 130 -11.12 1.17 -5.78
CA ILE A 130 -12.41 0.76 -6.35
C ILE A 130 -12.89 -0.58 -5.86
N VAL A 131 -14.20 -0.74 -5.79
CA VAL A 131 -14.79 -1.96 -5.27
C VAL A 131 -15.54 -2.79 -6.32
N ASN A 132 -15.58 -2.31 -7.56
CA ASN A 132 -16.22 -3.08 -8.63
C ASN A 132 -15.67 -2.62 -9.99
N HIS A 133 -16.09 -3.29 -11.05
CA HIS A 133 -15.59 -2.98 -12.38
C HIS A 133 -16.01 -1.64 -12.95
N ALA A 134 -17.10 -1.10 -12.42
CA ALA A 134 -17.60 0.20 -12.84
C ALA A 134 -16.69 1.31 -12.29
N GLY A 135 -15.92 0.99 -11.25
CA GLY A 135 -15.02 1.97 -10.65
C GLY A 135 -15.56 2.66 -9.40
N ARG A 136 -16.57 2.05 -8.77
CA ARG A 136 -17.17 2.63 -7.57
C ARG A 136 -16.12 2.79 -6.46
N ARG A 137 -16.00 4.03 -5.96
CA ARG A 137 -15.06 4.38 -4.90
C ARG A 137 -15.82 4.41 -3.58
N PRO A 138 -15.36 3.63 -2.58
CA PRO A 138 -16.00 3.58 -1.27
C PRO A 138 -15.65 4.80 -0.42
N ASP A 139 -16.56 5.21 0.44
CA ASP A 139 -16.29 6.34 1.31
C ASP A 139 -15.42 5.86 2.47
N SER A 140 -15.57 4.61 2.88
CA SER A 140 -14.81 4.12 4.01
C SER A 140 -13.85 2.97 3.67
N LEU A 141 -12.88 2.76 4.55
CA LEU A 141 -11.86 1.74 4.39
C LEU A 141 -12.39 0.32 4.24
N GLN A 142 -11.92 -0.37 3.21
CA GLN A 142 -12.29 -1.75 2.94
C GLN A 142 -11.03 -2.58 3.12
N HIS A 143 -11.18 -3.89 3.25
CA HIS A 143 -10.02 -4.74 3.40
C HIS A 143 -10.34 -6.16 2.97
N VAL A 144 -9.31 -6.96 2.75
CA VAL A 144 -9.50 -8.33 2.33
C VAL A 144 -8.30 -9.17 2.75
N LEU A 145 -8.54 -10.41 3.17
CA LEU A 145 -7.47 -11.32 3.56
C LEU A 145 -7.11 -12.15 2.34
N LEU A 146 -5.82 -12.19 2.02
CA LEU A 146 -5.32 -12.90 0.86
C LEU A 146 -4.15 -13.82 1.19
N PRO A 147 -4.14 -15.03 0.61
CA PRO A 147 -3.02 -15.93 0.90
C PRO A 147 -1.84 -15.60 -0.05
N VAL A 148 -0.63 -15.65 0.48
CA VAL A 148 0.57 -15.41 -0.30
C VAL A 148 0.68 -16.54 -1.35
N LEU A 149 1.09 -16.19 -2.56
CA LEU A 149 1.26 -17.15 -3.64
C LEU A 149 2.77 -17.31 -3.90
N ASP A 150 3.24 -18.55 -3.99
CA ASP A 150 4.65 -18.81 -4.24
C ASP A 150 5.10 -18.12 -5.53
N ARG A 151 6.34 -17.66 -5.53
CA ARG A 151 6.89 -16.91 -6.65
C ARG A 151 6.98 -17.65 -7.97
N ALA A 152 7.29 -18.95 -7.92
CA ALA A 152 7.40 -19.75 -9.13
C ALA A 152 6.06 -19.76 -9.88
N THR A 153 4.97 -20.03 -9.17
CA THR A 153 3.66 -20.06 -9.83
C THR A 153 3.37 -18.67 -10.38
N CYS A 154 3.69 -17.64 -9.59
CA CYS A 154 3.42 -16.27 -10.01
C CYS A 154 4.18 -15.84 -11.27
N ASN A 155 5.30 -16.51 -11.50
CA ASN A 155 6.16 -16.20 -12.63
C ASN A 155 5.87 -16.99 -13.90
N ARG A 156 4.97 -17.95 -13.82
CA ARG A 156 4.60 -18.74 -15.01
C ARG A 156 4.11 -17.83 -16.12
N ARG A 157 4.27 -18.30 -17.35
CA ARG A 157 3.87 -17.55 -18.54
C ARG A 157 2.41 -17.17 -18.46
N THR A 158 1.59 -18.08 -17.92
CA THR A 158 0.15 -17.86 -17.78
C THR A 158 -0.18 -16.80 -16.74
N HIS A 159 0.81 -16.47 -15.91
CA HIS A 159 0.61 -15.48 -14.86
C HIS A 159 1.40 -14.21 -15.16
N HIS A 160 2.50 -14.01 -14.47
CA HIS A 160 3.25 -12.75 -14.64
C HIS A 160 4.53 -12.94 -15.46
N ASP A 161 4.73 -14.15 -15.98
CA ASP A 161 5.81 -14.44 -16.91
C ASP A 161 7.18 -13.91 -16.59
N GLY A 162 7.75 -14.34 -15.47
CA GLY A 162 9.09 -13.93 -15.09
C GLY A 162 9.28 -12.55 -14.53
N ALA A 163 8.22 -11.77 -14.42
CA ALA A 163 8.34 -10.41 -13.90
C ALA A 163 8.57 -10.29 -12.38
N ILE A 164 8.28 -11.35 -11.64
CA ILE A 164 8.43 -11.33 -10.19
C ILE A 164 9.86 -11.63 -9.71
N THR A 165 10.59 -10.57 -9.38
CA THR A 165 11.96 -10.68 -8.88
C THR A 165 11.91 -11.07 -7.39
N GLU A 166 13.08 -11.28 -6.78
CA GLU A 166 13.17 -11.64 -5.37
C GLU A 166 12.77 -10.48 -4.48
N ARG A 167 12.63 -9.30 -5.06
CA ARG A 167 12.24 -8.11 -4.30
C ARG A 167 10.73 -7.90 -4.33
N LEU A 168 10.04 -8.78 -5.05
CA LEU A 168 8.59 -8.71 -5.18
C LEU A 168 7.94 -10.00 -4.66
N MET A 169 6.66 -9.89 -4.28
CA MET A 169 5.92 -11.05 -3.83
C MET A 169 4.51 -10.96 -4.43
N CYS A 170 3.79 -12.07 -4.36
CA CYS A 170 2.45 -12.16 -4.89
C CYS A 170 1.50 -12.72 -3.86
N ALA A 171 0.21 -12.37 -4.02
CA ALA A 171 -0.86 -12.88 -3.18
C ALA A 171 -1.90 -13.30 -4.22
N GLU A 172 -2.74 -14.27 -3.88
CA GLU A 172 -3.78 -14.71 -4.80
C GLU A 172 -4.76 -13.56 -5.11
N SER A 173 -5.42 -13.67 -6.26
CA SER A 173 -6.36 -12.67 -6.73
C SER A 173 -7.62 -13.31 -7.30
N ASN A 174 -8.12 -14.37 -6.69
CA ASN A 174 -9.31 -15.02 -7.20
C ASN A 174 -10.56 -14.37 -6.62
N ARG A 175 -11.01 -13.36 -7.33
CA ARG A 175 -12.22 -12.60 -7.00
C ARG A 175 -11.96 -11.60 -5.86
N ARG A 176 -11.01 -11.95 -5.02
CA ARG A 176 -10.61 -11.07 -3.90
C ARG A 176 -9.29 -10.45 -4.30
N ASP A 177 -9.17 -9.15 -4.25
CA ASP A 177 -7.92 -8.55 -4.71
C ASP A 177 -7.83 -7.05 -4.34
N SER A 178 -6.64 -6.49 -4.45
CA SER A 178 -6.46 -5.07 -4.24
C SER A 178 -6.71 -4.53 -5.65
N CYS A 179 -7.04 -3.25 -5.76
CA CYS A 179 -7.32 -2.70 -7.07
C CYS A 179 -6.93 -1.22 -7.15
N LYS A 180 -7.30 -0.57 -8.24
CA LYS A 180 -6.98 0.82 -8.45
C LYS A 180 -7.40 1.66 -7.25
N GLY A 181 -6.45 2.42 -6.71
CA GLY A 181 -6.73 3.25 -5.55
C GLY A 181 -6.16 2.62 -4.28
N ASP A 182 -5.84 1.33 -4.34
CA ASP A 182 -5.27 0.59 -3.21
C ASP A 182 -3.74 0.56 -3.28
N SER A 183 -3.21 0.86 -4.45
CA SER A 183 -1.77 0.90 -4.71
C SER A 183 -1.09 1.76 -3.67
N GLY A 184 0.06 1.32 -3.19
CA GLY A 184 0.79 2.07 -2.16
C GLY A 184 0.41 1.63 -0.75
N GLY A 185 -0.69 0.89 -0.62
CA GLY A 185 -1.14 0.45 0.67
C GLY A 185 -0.37 -0.74 1.19
N PRO A 186 -0.60 -1.11 2.46
CA PRO A 186 0.09 -2.23 3.08
C PRO A 186 -0.50 -3.61 2.94
N LEU A 187 0.37 -4.55 2.79
CA LEU A 187 0.07 -5.98 2.93
C LEU A 187 0.69 -6.48 4.24
N VAL A 188 -0.14 -6.73 5.19
CA VAL A 188 0.30 -7.07 6.55
C VAL A 188 0.16 -8.56 6.83
N CYS A 189 1.22 -9.18 7.36
CA CYS A 189 1.20 -10.59 7.69
C CYS A 189 1.71 -10.74 9.13
N GLY A 190 0.90 -11.39 9.97
CA GLY A 190 1.27 -11.60 11.36
C GLY A 190 1.51 -10.30 12.09
N GLY A 191 0.77 -9.26 11.73
CA GLY A 191 0.94 -7.96 12.37
C GLY A 191 2.19 -7.17 12.01
N VAL A 192 2.87 -7.58 10.94
CA VAL A 192 4.08 -6.92 10.49
C VAL A 192 3.94 -6.57 9.01
N LEU A 193 4.39 -5.38 8.63
CA LEU A 193 4.31 -4.95 7.23
C LEU A 193 5.28 -5.78 6.40
N GLU A 194 4.75 -6.47 5.38
CA GLU A 194 5.59 -7.26 4.49
C GLU A 194 5.65 -6.70 3.08
N GLY A 195 4.55 -6.11 2.62
CA GLY A 195 4.55 -5.58 1.28
C GLY A 195 3.79 -4.28 1.10
N VAL A 196 4.07 -3.63 -0.03
CA VAL A 196 3.43 -2.40 -0.44
C VAL A 196 2.81 -2.72 -1.79
N VAL A 197 1.50 -2.53 -1.91
CA VAL A 197 0.77 -2.81 -3.16
C VAL A 197 1.44 -2.04 -4.32
N THR A 198 1.92 -2.76 -5.33
CA THR A 198 2.58 -2.11 -6.44
C THR A 198 1.60 -1.23 -7.21
N SER A 199 2.11 -0.20 -7.88
CA SER A 199 1.21 0.71 -8.58
C SER A 199 1.25 0.74 -10.09
N GLY A 200 1.44 -0.40 -10.67
CA GLY A 200 1.33 -0.54 -12.12
C GLY A 200 -0.11 -0.96 -12.41
N SER A 201 -0.66 -0.47 -13.49
CA SER A 201 -2.03 -0.86 -13.86
C SER A 201 -2.07 -2.37 -14.01
N ARG A 202 -3.12 -2.94 -13.50
CA ARG A 202 -3.31 -4.40 -13.55
C ARG A 202 -4.78 -4.71 -13.37
N VAL A 203 -5.17 -5.78 -13.98
CA VAL A 203 -6.53 -6.28 -13.90
C VAL A 203 -6.73 -6.82 -12.47
N CYS A 204 -7.94 -6.69 -11.93
CA CYS A 204 -8.24 -7.11 -10.51
C CYS A 204 -9.23 -8.27 -10.40
N GLY A 205 -8.96 -9.17 -9.47
CA GLY A 205 -9.85 -10.29 -9.23
C GLY A 205 -9.75 -11.50 -10.13
N ASN A 206 -8.78 -11.45 -11.06
CA ASN A 206 -8.52 -12.54 -11.99
C ASN A 206 -7.38 -13.37 -11.40
N ARG A 207 -7.68 -14.60 -10.98
CA ARG A 207 -6.66 -15.46 -10.39
C ARG A 207 -5.45 -15.72 -11.28
N LYS A 208 -5.58 -15.48 -12.59
CA LYS A 208 -4.46 -15.68 -13.50
C LYS A 208 -3.48 -14.50 -13.53
N LYS A 209 -3.81 -13.44 -12.81
CA LYS A 209 -2.93 -12.28 -12.72
C LYS A 209 -2.87 -11.86 -11.25
N PRO A 210 -2.08 -12.60 -10.47
CA PRO A 210 -1.94 -12.33 -9.02
C PRO A 210 -1.57 -10.90 -8.65
N GLY A 211 -1.87 -10.53 -7.41
CA GLY A 211 -1.54 -9.20 -6.95
C GLY A 211 -0.03 -9.18 -6.74
N ILE A 212 0.59 -8.05 -7.06
CA ILE A 212 2.03 -7.89 -6.91
C ILE A 212 2.29 -6.85 -5.80
N TYR A 213 3.19 -7.19 -4.88
CA TYR A 213 3.51 -6.32 -3.75
C TYR A 213 5.02 -6.21 -3.62
N THR A 214 5.52 -5.00 -3.38
CA THR A 214 6.97 -4.83 -3.21
C THR A 214 7.33 -5.25 -1.78
N ARG A 215 8.31 -6.13 -1.64
CA ARG A 215 8.76 -6.60 -0.33
C ARG A 215 9.57 -5.51 0.39
N VAL A 216 9.05 -4.98 1.50
CA VAL A 216 9.74 -3.95 2.24
C VAL A 216 11.09 -4.43 2.78
N ALA A 217 11.14 -5.68 3.22
CA ALA A 217 12.36 -6.26 3.76
C ALA A 217 13.53 -6.11 2.79
N SER A 218 13.22 -6.18 1.50
CA SER A 218 14.20 -6.05 0.44
C SER A 218 14.80 -4.63 0.31
N TYR A 219 14.12 -3.65 0.92
CA TYR A 219 14.55 -2.25 0.87
C TYR A 219 14.79 -1.66 2.26
N ALA A 220 15.08 -2.51 3.24
CA ALA A 220 15.28 -2.03 4.60
C ALA A 220 16.37 -0.96 4.69
N ALA A 221 17.50 -1.18 4.01
CA ALA A 221 18.59 -0.22 4.06
C ALA A 221 18.19 1.14 3.46
N TRP A 222 17.45 1.13 2.34
CA TRP A 222 17.01 2.35 1.70
C TRP A 222 16.05 3.12 2.61
N ILE A 223 15.09 2.42 3.21
CA ILE A 223 14.13 3.08 4.11
C ILE A 223 14.91 3.71 5.27
N ASP A 224 15.82 2.94 5.86
CA ASP A 224 16.62 3.44 6.96
C ASP A 224 17.38 4.69 6.51
N SER A 225 17.99 4.62 5.35
CA SER A 225 18.75 5.75 4.82
C SER A 225 17.91 7.03 4.71
N VAL A 226 16.70 6.91 4.18
CA VAL A 226 15.85 8.07 3.99
C VAL A 226 15.34 8.66 5.30
N LEU A 227 15.09 7.83 6.29
CA LEU A 227 14.59 8.28 7.58
C LEU A 227 15.74 8.71 8.51
N ALA A 228 16.97 8.58 8.03
CA ALA A 228 18.15 8.94 8.82
C ALA A 228 18.22 10.44 9.10
#